data_8BVT
#
_entry.id   8BVT
#
_cell.length_a   1.00
_cell.length_b   1.00
_cell.length_c   1.00
_cell.angle_alpha   90.00
_cell.angle_beta   90.00
_cell.angle_gamma   90.00
#
_symmetry.space_group_name_H-M   'P 1'
#
loop_
_entity.id
_entity.type
_entity.pdbx_description
1 polymer 'Solute carrier family 22 member 6'
2 polymer 'Synthetic nanobody (Sybody)'
3 non-polymer '4-(dipropylsulfamoyl)benzoic acid'
#
loop_
_entity_poly.entity_id
_entity_poly.type
_entity_poly.pdbx_seq_one_letter_code
_entity_poly.pdbx_strand_id
1 'polypeptide(L)'
;MAFNDLLKQVGGVGRFQLIQVTMVVAPLLLMASHNTLQNFTAAIPPHHCRPPANANLSKDGGLEAWLPLDKQGQPESCLR
FTSPQWGPPFYNGTEANGTRVTEPCIDGWVYDNSTFPSTIVTEWNLVCSHRAFRQLAQSLYMVGVLLGAMVFGYLADRLG
RRKVLILNYLQTAVSGTCAAYAPNYTVYCVFRLLSGMSLASIAINCMTLNVEWMPIHTRAYVGTLIGYVYSLGQFLLAGI
AYAVPHWRHLQLVVSVPFFIAFIYSWFFIESARWYSSSGRLDLTLRALQRVARINGKQEEGAKLSIEVLRTSLQKELTLS
KGQASAMELLRCPTLRHLFLCLSMLWFATSFAYYGLVMDLQGFGVSMYLIQVIFGAVDLPAKFVCFLVINSMGRRPAQMA
SLLLAGICILVNGIIPKSHTIIRTSLAVLGKGCLASSFNCIFLYTGELYPTVIRQTGLGMGSTMARVGSIVSPLVSMTAE
FYPSMPLFIFGAVPVVASAVTALLPETLGQPLPDTVQDLKSRSRGKQNQQQQEQQKQMMPLENLYFQ
;
A
2 'polypeptide(L)'
;MAGSSSQVQLVESGGGLVQAGGSLRLSCAASGFPVKTEWMEWYRQAPGKEREWVAAIWSYGSGTRYADSVKGRFTISRDN
AKNTVYLQMNSLKPEDTAVYYCLVRVGSWYHGQGTQVTVSAGRAGEQKLISEEDLNSAVDHHHHHH
;
B
#
# COMPACT_ATOMS: atom_id res chain seq x y z
N MET A 1 -4.73 25.19 -40.70
CA MET A 1 -3.36 25.40 -40.25
C MET A 1 -3.29 25.53 -38.73
N ALA A 2 -2.40 24.76 -38.13
CA ALA A 2 -2.21 24.76 -36.68
C ALA A 2 -0.79 24.31 -36.39
N PHE A 3 -0.52 24.06 -35.11
CA PHE A 3 0.83 23.64 -34.71
C PHE A 3 1.15 22.24 -35.22
N ASN A 4 0.14 21.38 -35.36
CA ASN A 4 0.39 20.05 -35.89
C ASN A 4 0.97 20.13 -37.30
N ASP A 5 0.55 21.13 -38.08
CA ASP A 5 1.07 21.29 -39.43
C ASP A 5 2.56 21.60 -39.42
N LEU A 6 2.99 22.56 -38.60
CA LEU A 6 4.42 22.88 -38.56
C LEU A 6 5.23 21.76 -37.93
N LEU A 7 4.63 21.02 -36.98
CA LEU A 7 5.34 19.89 -36.40
C LEU A 7 5.56 18.78 -37.43
N LYS A 8 4.51 18.45 -38.20
CA LYS A 8 4.68 17.45 -39.25
C LYS A 8 5.60 17.97 -40.35
N GLN A 9 5.68 19.29 -40.50
CA GLN A 9 6.71 19.87 -41.35
C GLN A 9 8.10 19.53 -40.83
N VAL A 10 8.29 19.66 -39.51
CA VAL A 10 9.51 19.17 -38.89
C VAL A 10 9.52 17.65 -38.86
N GLY A 11 8.38 17.03 -38.57
CA GLY A 11 8.32 15.59 -38.48
C GLY A 11 7.40 15.07 -37.39
N GLY A 12 7.95 14.26 -36.50
CA GLY A 12 7.16 13.64 -35.45
C GLY A 12 7.68 12.24 -35.16
N VAL A 13 8.61 11.78 -36.00
CA VAL A 13 9.27 10.50 -35.84
C VAL A 13 10.78 10.62 -35.77
N GLY A 14 11.32 11.83 -35.83
CA GLY A 14 12.74 12.04 -35.94
C GLY A 14 13.49 11.69 -34.65
N ARG A 15 14.80 11.90 -34.72
CA ARG A 15 15.67 11.50 -33.62
C ARG A 15 15.32 12.23 -32.34
N PHE A 16 15.06 13.53 -32.43
CA PHE A 16 14.69 14.31 -31.24
C PHE A 16 13.40 13.78 -30.64
N GLN A 17 12.40 13.51 -31.49
CA GLN A 17 11.09 13.12 -31.01
C GLN A 17 11.11 11.78 -30.31
N LEU A 18 12.19 11.02 -30.43
CA LEU A 18 12.35 9.78 -29.68
C LEU A 18 13.28 9.93 -28.49
N ILE A 19 14.42 10.62 -28.66
CA ILE A 19 15.35 10.73 -27.55
C ILE A 19 14.74 11.55 -26.42
N GLN A 20 14.05 12.65 -26.75
CA GLN A 20 13.45 13.49 -25.72
C GLN A 20 12.40 12.71 -24.94
N VAL A 21 11.51 12.01 -25.66
CA VAL A 21 10.43 11.31 -24.96
C VAL A 21 11.02 10.21 -24.08
N THR A 22 11.97 9.43 -24.61
CA THR A 22 12.49 8.32 -23.84
C THR A 22 13.26 8.80 -22.61
N MET A 23 14.07 9.87 -22.74
CA MET A 23 14.76 10.38 -21.59
C MET A 23 13.77 10.90 -20.56
N VAL A 24 12.75 11.64 -21.01
CA VAL A 24 11.83 12.26 -20.09
C VAL A 24 11.02 11.21 -19.34
N VAL A 25 10.69 10.09 -20.00
CA VAL A 25 9.95 9.03 -19.30
C VAL A 25 10.85 8.07 -18.54
N ALA A 26 12.16 8.13 -18.75
CA ALA A 26 13.06 7.23 -18.03
C ALA A 26 12.89 7.22 -16.51
N PRO A 27 12.72 8.36 -15.82
CA PRO A 27 12.57 8.29 -14.36
C PRO A 27 11.23 7.76 -13.89
N LEU A 28 10.29 7.44 -14.78
CA LEU A 28 9.02 6.91 -14.32
C LEU A 28 9.20 5.52 -13.68
N LEU A 29 10.24 4.79 -14.09
CA LEU A 29 10.56 3.53 -13.43
C LEU A 29 10.77 3.75 -11.93
N LEU A 30 11.64 4.70 -11.60
CA LEU A 30 11.87 5.00 -10.20
C LEU A 30 10.68 5.72 -9.57
N MET A 31 9.83 6.36 -10.36
CA MET A 31 8.58 6.89 -9.82
C MET A 31 7.72 5.77 -9.26
N ALA A 32 7.52 4.72 -10.06
CA ALA A 32 6.79 3.55 -9.58
C ALA A 32 7.49 2.96 -8.37
N SER A 33 8.82 2.88 -8.43
CA SER A 33 9.59 2.36 -7.31
C SER A 33 9.27 3.12 -6.03
N HIS A 34 9.37 4.45 -6.07
CA HIS A 34 9.14 5.26 -4.88
C HIS A 34 7.70 5.15 -4.40
N ASN A 35 6.75 5.06 -5.34
CA ASN A 35 5.35 4.94 -4.93
C ASN A 35 5.12 3.65 -4.16
N THR A 36 5.73 2.55 -4.60
CA THR A 36 5.58 1.28 -3.89
C THR A 36 6.49 1.16 -2.68
N LEU A 37 7.49 2.04 -2.57
CA LEU A 37 8.67 1.79 -1.73
C LEU A 37 8.33 1.45 -0.29
N GLN A 38 7.31 2.09 0.29
CA GLN A 38 7.01 1.86 1.70
C GLN A 38 6.74 0.39 1.98
N ASN A 39 6.31 -0.36 0.96
CA ASN A 39 6.00 -1.77 1.14
C ASN A 39 7.24 -2.57 1.47
N PHE A 40 8.35 -2.29 0.78
CA PHE A 40 9.63 -2.94 1.06
C PHE A 40 10.43 -2.23 2.15
N THR A 41 10.03 -1.04 2.56
CA THR A 41 10.74 -0.33 3.61
C THR A 41 10.08 -0.45 4.98
N ALA A 42 8.76 -0.66 5.03
CA ALA A 42 8.03 -0.67 6.29
C ALA A 42 7.52 -2.06 6.65
N ALA A 43 8.22 -3.10 6.21
CA ALA A 43 7.84 -4.45 6.60
C ALA A 43 8.04 -4.65 8.09
N ILE A 44 7.11 -5.36 8.73
CA ILE A 44 7.19 -5.59 10.16
C ILE A 44 7.66 -7.02 10.41
N PRO A 45 8.91 -7.23 10.79
CA PRO A 45 9.37 -8.58 11.11
C PRO A 45 8.80 -9.04 12.42
N PRO A 46 8.76 -10.35 12.66
CA PRO A 46 8.28 -10.84 13.96
C PRO A 46 9.09 -10.25 15.10
N HIS A 47 8.40 -9.87 16.17
CA HIS A 47 9.04 -9.14 17.25
C HIS A 47 8.36 -9.49 18.57
N HIS A 48 9.06 -9.21 19.66
CA HIS A 48 8.52 -9.48 20.98
C HIS A 48 9.23 -8.60 22.00
N CYS A 49 8.66 -8.55 23.19
CA CYS A 49 9.22 -7.74 24.27
C CYS A 49 10.66 -8.13 24.55
N ARG A 50 11.52 -7.14 24.71
CA ARG A 50 12.88 -7.40 25.16
C ARG A 50 12.85 -7.73 26.65
N PRO A 51 13.40 -8.86 27.08
CA PRO A 51 13.40 -9.17 28.49
C PRO A 51 14.25 -8.16 29.25
N PRO A 52 13.90 -7.86 30.50
CA PRO A 52 14.69 -6.90 31.27
C PRO A 52 16.10 -7.41 31.50
N ALA A 53 17.06 -6.48 31.43
CA ALA A 53 18.47 -6.86 31.50
C ALA A 53 18.89 -7.26 32.92
N ASN A 54 18.13 -6.85 33.94
CA ASN A 54 18.50 -7.19 35.31
C ASN A 54 18.44 -8.70 35.54
N ALA A 55 17.45 -9.37 34.98
CA ALA A 55 17.31 -10.81 35.15
C ALA A 55 18.19 -11.56 34.15
N ASN A 56 18.74 -12.68 34.61
CA ASN A 56 19.59 -13.50 33.76
C ASN A 56 18.75 -14.19 32.68
N LEU A 57 19.35 -14.35 31.51
CA LEU A 57 18.67 -14.93 30.37
C LEU A 57 19.02 -16.40 30.12
N SER A 58 19.89 -17.00 30.93
CA SER A 58 20.32 -18.37 30.72
C SER A 58 19.88 -19.31 31.83
N LYS A 59 20.23 -19.01 33.08
CA LYS A 59 19.88 -19.89 34.18
C LYS A 59 18.46 -19.68 34.71
N ASP A 60 17.81 -18.59 34.30
CA ASP A 60 16.47 -18.29 34.78
C ASP A 60 15.37 -18.97 33.99
N GLY A 61 15.71 -19.65 32.89
CA GLY A 61 14.70 -20.35 32.11
C GLY A 61 14.85 -20.17 30.62
N GLY A 62 15.35 -19.01 30.19
CA GLY A 62 15.55 -18.74 28.79
C GLY A 62 14.65 -17.65 28.24
N LEU A 63 14.19 -17.82 27.01
CA LEU A 63 13.38 -16.82 26.32
C LEU A 63 11.91 -17.21 26.27
N GLU A 64 11.42 -17.87 27.32
CA GLU A 64 10.05 -18.35 27.36
C GLU A 64 9.30 -17.99 28.63
N ALA A 65 9.99 -17.55 29.68
CA ALA A 65 9.35 -17.23 30.94
C ALA A 65 8.86 -15.78 31.01
N TRP A 66 9.11 -15.00 29.98
CA TRP A 66 8.71 -13.59 29.96
C TRP A 66 7.73 -13.23 28.87
N LEU A 67 7.56 -14.08 27.86
CA LEU A 67 6.84 -13.71 26.64
C LEU A 67 5.73 -14.70 26.38
N PRO A 68 4.48 -14.37 26.73
CA PRO A 68 3.37 -15.28 26.45
C PRO A 68 3.22 -15.52 24.96
N LEU A 69 2.82 -16.75 24.62
CA LEU A 69 2.66 -17.10 23.21
C LEU A 69 1.33 -16.58 22.68
N ASP A 70 1.22 -16.55 21.36
CA ASP A 70 0.04 -16.07 20.68
C ASP A 70 -0.88 -17.26 20.34
N LYS A 71 -1.91 -16.99 19.53
CA LYS A 71 -2.80 -18.06 19.11
C LYS A 71 -2.09 -19.11 18.26
N GLN A 72 -1.05 -18.71 17.54
CA GLN A 72 -0.31 -19.63 16.67
C GLN A 72 0.98 -20.14 17.31
N GLY A 73 1.17 -19.92 18.61
CA GLY A 73 2.37 -20.37 19.26
C GLY A 73 3.58 -19.48 19.04
N GLN A 74 3.38 -18.22 18.71
CA GLN A 74 4.45 -17.25 18.51
C GLN A 74 4.47 -16.25 19.66
N PRO A 75 5.62 -15.66 19.96
CA PRO A 75 5.71 -14.72 21.08
C PRO A 75 4.78 -13.53 20.89
N GLU A 76 4.27 -13.02 22.01
CA GLU A 76 3.35 -11.88 21.97
C GLU A 76 4.01 -10.68 21.33
N SER A 77 3.17 -9.75 20.85
CA SER A 77 3.67 -8.61 20.10
C SER A 77 4.30 -7.57 21.02
N CYS A 78 3.50 -6.99 21.92
CA CYS A 78 3.95 -5.85 22.72
C CYS A 78 3.51 -6.06 24.17
N LEU A 79 3.82 -7.22 24.73
CA LEU A 79 3.40 -7.52 26.09
C LEU A 79 4.34 -8.55 26.71
N ARG A 80 4.60 -8.42 28.00
CA ARG A 80 5.51 -9.33 28.68
C ARG A 80 5.10 -9.48 30.14
N PHE A 81 5.57 -10.56 30.75
CA PHE A 81 5.37 -10.79 32.19
C PHE A 81 6.32 -9.92 32.99
N THR A 82 5.83 -9.40 34.12
CA THR A 82 6.70 -8.66 35.02
C THR A 82 7.76 -9.56 35.65
N SER A 83 7.39 -10.79 36.00
CA SER A 83 8.28 -11.73 36.66
C SER A 83 8.27 -13.05 35.92
N PRO A 84 9.37 -13.80 35.94
CA PRO A 84 9.40 -15.09 35.26
C PRO A 84 8.45 -16.10 35.89
N GLN A 85 8.51 -16.23 37.21
CA GLN A 85 7.61 -17.11 37.96
C GLN A 85 6.92 -16.29 39.04
N TRP A 86 5.59 -16.41 39.13
CA TRP A 86 4.81 -15.69 40.13
C TRP A 86 4.45 -16.66 41.24
N GLY A 87 5.37 -16.80 42.19
CA GLY A 87 5.14 -17.62 43.35
C GLY A 87 5.23 -16.80 44.61
N PRO A 88 4.22 -16.93 45.48
CA PRO A 88 4.22 -16.15 46.84
C PRO A 88 5.49 -16.38 47.64
N PRO A 89 6.05 -17.61 47.65
CA PRO A 89 7.35 -17.65 48.34
C PRO A 89 8.49 -17.12 47.49
N THR A 99 -0.60 -6.18 42.77
CA THR A 99 0.35 -5.79 41.74
C THR A 99 -0.11 -6.23 40.35
N ARG A 100 0.69 -5.94 39.34
CA ARG A 100 0.39 -6.27 37.95
C ARG A 100 1.42 -7.26 37.43
N VAL A 101 0.95 -8.26 36.68
CA VAL A 101 1.81 -9.31 36.15
C VAL A 101 2.25 -9.01 34.73
N THR A 102 1.35 -8.50 33.89
CA THR A 102 1.67 -8.15 32.52
C THR A 102 2.27 -6.75 32.44
N GLU A 103 2.98 -6.49 31.35
CA GLU A 103 3.69 -5.22 31.23
C GLU A 103 4.13 -4.96 29.78
N PRO A 104 3.92 -3.75 29.27
CA PRO A 104 4.40 -3.43 27.92
C PRO A 104 5.92 -3.36 27.86
N CYS A 105 6.44 -3.51 26.64
CA CYS A 105 7.89 -3.58 26.45
C CYS A 105 8.55 -2.22 26.63
N ILE A 106 8.58 -1.70 27.87
CA ILE A 106 9.27 -0.45 28.12
C ILE A 106 10.78 -0.60 28.10
N ASP A 107 11.29 -1.83 28.07
CA ASP A 107 12.71 -2.09 27.87
C ASP A 107 13.04 -2.36 26.41
N GLY A 108 12.26 -1.81 25.49
CA GLY A 108 12.52 -2.00 24.07
C GLY A 108 11.99 -3.33 23.56
N TRP A 109 12.18 -3.53 22.26
CA TRP A 109 11.75 -4.75 21.59
C TRP A 109 12.96 -5.43 20.96
N VAL A 110 12.81 -6.74 20.73
CA VAL A 110 13.82 -7.54 20.04
C VAL A 110 13.21 -8.06 18.76
N TYR A 111 13.85 -7.76 17.64
CA TYR A 111 13.40 -8.21 16.33
C TYR A 111 14.25 -9.37 15.87
N ASP A 112 14.05 -9.78 14.62
CA ASP A 112 14.84 -10.85 14.02
C ASP A 112 15.38 -10.39 12.68
N ASN A 113 16.63 -10.78 12.38
CA ASN A 113 17.29 -10.43 11.14
C ASN A 113 17.33 -11.61 10.18
N SER A 114 16.33 -12.49 10.24
CA SER A 114 16.29 -13.66 9.38
C SER A 114 16.16 -13.26 7.91
N THR A 115 15.19 -12.39 7.61
CA THR A 115 14.94 -11.95 6.24
C THR A 115 15.21 -10.47 6.04
N PHE A 116 14.58 -9.61 6.84
CA PHE A 116 14.77 -8.18 6.72
C PHE A 116 15.73 -7.71 7.79
N PRO A 117 16.93 -7.23 7.44
CA PRO A 117 17.90 -6.82 8.46
C PRO A 117 17.42 -5.67 9.33
N SER A 118 17.06 -4.55 8.69
CA SER A 118 16.67 -3.36 9.45
C SER A 118 15.77 -2.50 8.58
N THR A 119 14.52 -2.37 8.97
CA THR A 119 13.55 -1.49 8.31
C THR A 119 13.15 -0.37 9.26
N ILE A 120 12.22 0.47 8.82
CA ILE A 120 11.81 1.62 9.62
C ILE A 120 11.19 1.16 10.94
N VAL A 121 10.33 0.15 10.89
CA VAL A 121 9.69 -0.30 12.12
C VAL A 121 10.70 -0.89 13.08
N THR A 122 11.81 -1.45 12.56
CA THR A 122 12.87 -1.89 13.44
C THR A 122 13.70 -0.73 13.96
N GLU A 123 13.87 0.31 13.15
CA GLU A 123 14.71 1.43 13.56
C GLU A 123 14.02 2.33 14.58
N TRP A 124 12.68 2.38 14.58
CA TRP A 124 11.97 3.31 15.44
C TRP A 124 10.90 2.64 16.30
N ASN A 125 10.81 1.32 16.30
CA ASN A 125 9.91 0.58 17.17
C ASN A 125 8.47 1.07 17.03
N LEU A 126 7.92 0.90 15.84
CA LEU A 126 6.55 1.33 15.54
C LEU A 126 5.61 0.12 15.61
N VAL A 127 5.42 -0.39 16.81
CA VAL A 127 4.62 -1.58 17.04
C VAL A 127 3.60 -1.33 18.14
N CYS A 128 2.51 -2.08 18.09
CA CYS A 128 1.44 -2.04 19.08
C CYS A 128 0.96 -0.61 19.33
N SER A 129 1.13 -0.10 20.54
CA SER A 129 0.79 1.28 20.81
C SER A 129 1.59 2.21 19.90
N HIS A 130 0.89 3.15 19.28
CA HIS A 130 1.50 4.04 18.29
C HIS A 130 2.17 3.25 17.16
N ARG A 131 1.51 2.18 16.72
CA ARG A 131 1.93 1.47 15.50
C ARG A 131 1.33 2.07 14.24
N ALA A 132 0.37 2.98 14.38
CA ALA A 132 -0.26 3.59 13.22
C ALA A 132 0.66 4.54 12.49
N PHE A 133 1.82 4.87 13.06
CA PHE A 133 2.74 5.81 12.42
C PHE A 133 3.27 5.25 11.10
N ARG A 134 3.34 3.92 10.98
CA ARG A 134 3.79 3.31 9.73
C ARG A 134 2.85 3.67 8.59
N GLN A 135 1.54 3.58 8.83
CA GLN A 135 0.58 4.00 7.81
C GLN A 135 0.50 5.52 7.72
N LEU A 136 0.78 6.21 8.82
CA LEU A 136 0.78 7.67 8.79
C LEU A 136 1.83 8.19 7.82
N ALA A 137 2.99 7.55 7.78
CA ALA A 137 4.04 7.97 6.86
C ALA A 137 3.56 7.88 5.41
N GLN A 138 2.96 6.76 5.02
CA GLN A 138 2.47 6.61 3.66
C GLN A 138 1.36 7.61 3.37
N SER A 139 0.44 7.80 4.33
CA SER A 139 -0.65 8.75 4.11
C SER A 139 -0.13 10.16 3.90
N LEU A 140 0.88 10.57 4.67
CA LEU A 140 1.41 11.92 4.51
C LEU A 140 2.22 12.04 3.22
N TYR A 141 2.91 10.98 2.82
CA TYR A 141 3.57 11.01 1.51
C TYR A 141 2.54 11.21 0.40
N MET A 142 1.40 10.55 0.51
CA MET A 142 0.40 10.66 -0.54
C MET A 142 -0.32 12.01 -0.47
N VAL A 143 -0.43 12.56 0.73
CA VAL A 143 -0.89 13.94 0.87
C VAL A 143 0.05 14.88 0.13
N GLY A 144 1.36 14.65 0.28
CA GLY A 144 2.32 15.41 -0.49
C GLY A 144 2.14 15.23 -1.99
N VAL A 145 1.83 14.00 -2.41
CA VAL A 145 1.57 13.76 -3.83
C VAL A 145 0.43 14.64 -4.31
N LEU A 146 -0.68 14.66 -3.58
CA LEU A 146 -1.83 15.46 -4.02
C LEU A 146 -1.49 16.95 -4.01
N LEU A 147 -0.85 17.42 -2.95
CA LEU A 147 -0.51 18.83 -2.85
C LEU A 147 0.41 19.25 -3.98
N GLY A 148 1.39 18.40 -4.31
CA GLY A 148 2.24 18.70 -5.45
C GLY A 148 1.46 18.74 -6.75
N ALA A 149 0.69 17.69 -7.02
CA ALA A 149 -0.05 17.63 -8.28
C ALA A 149 -0.95 18.83 -8.46
N MET A 150 -1.40 19.44 -7.36
CA MET A 150 -2.22 20.65 -7.48
C MET A 150 -1.35 21.89 -7.65
N VAL A 151 -0.56 22.22 -6.62
CA VAL A 151 0.10 23.53 -6.58
C VAL A 151 1.25 23.59 -7.58
N PHE A 152 2.04 22.52 -7.70
CA PHE A 152 3.12 22.52 -8.66
C PHE A 152 2.60 22.52 -10.08
N GLY A 153 1.47 21.85 -10.33
CA GLY A 153 0.87 21.91 -11.65
C GLY A 153 0.45 23.32 -12.00
N TYR A 154 -0.20 24.01 -11.06
CA TYR A 154 -0.60 25.39 -11.34
C TYR A 154 0.62 26.30 -11.51
N LEU A 155 1.65 26.10 -10.70
CA LEU A 155 2.87 26.88 -10.85
C LEU A 155 3.52 26.63 -12.20
N ALA A 156 3.50 25.38 -12.66
CA ALA A 156 4.05 25.06 -13.97
C ALA A 156 3.26 25.73 -15.08
N ASP A 157 1.93 25.73 -14.98
CA ASP A 157 1.12 26.44 -15.95
C ASP A 157 1.43 27.93 -15.93
N ARG A 158 1.77 28.47 -14.76
CA ARG A 158 2.12 29.90 -14.68
C ARG A 158 3.49 30.18 -15.29
N LEU A 159 4.46 29.29 -15.09
CA LEU A 159 5.85 29.56 -15.41
C LEU A 159 6.38 28.76 -16.59
N GLY A 160 6.15 27.45 -16.62
CA GLY A 160 6.67 26.66 -17.72
C GLY A 160 6.78 25.20 -17.33
N ARG A 161 7.54 24.45 -18.14
CA ARG A 161 7.69 23.01 -17.97
C ARG A 161 9.12 22.57 -17.74
N ARG A 162 10.09 23.15 -18.45
CA ARG A 162 11.48 22.76 -18.28
C ARG A 162 11.98 23.08 -16.87
N LYS A 163 11.78 24.33 -16.43
CA LYS A 163 12.25 24.72 -15.10
C LYS A 163 11.52 23.95 -14.01
N VAL A 164 10.22 23.71 -14.20
CA VAL A 164 9.45 22.96 -13.22
C VAL A 164 9.95 21.51 -13.15
N LEU A 165 10.26 20.91 -14.29
CA LEU A 165 10.83 19.57 -14.29
C LEU A 165 12.17 19.56 -13.57
N ILE A 166 13.00 20.58 -13.78
CA ILE A 166 14.30 20.64 -13.12
C ILE A 166 14.11 20.72 -11.61
N LEU A 167 13.18 21.57 -11.17
CA LEU A 167 12.89 21.67 -9.74
C LEU A 167 12.38 20.35 -9.19
N ASN A 168 11.51 19.67 -9.94
CA ASN A 168 11.00 18.39 -9.49
C ASN A 168 12.13 17.38 -9.33
N TYR A 169 13.04 17.32 -10.30
CA TYR A 169 14.17 16.40 -10.20
C TYR A 169 15.00 16.68 -8.96
N LEU A 170 15.37 17.95 -8.77
CA LEU A 170 16.22 18.28 -7.63
C LEU A 170 15.52 18.00 -6.31
N GLN A 171 14.25 18.37 -6.20
CA GLN A 171 13.50 18.14 -4.97
C GLN A 171 13.38 16.65 -4.68
N THR A 172 13.07 15.85 -5.70
CA THR A 172 12.95 14.41 -5.49
C THR A 172 14.28 13.83 -5.03
N ALA A 173 15.38 14.20 -5.68
CA ALA A 173 16.67 13.63 -5.33
C ALA A 173 17.06 13.99 -3.90
N VAL A 174 17.00 15.28 -3.56
CA VAL A 174 17.42 15.69 -2.23
C VAL A 174 16.49 15.13 -1.16
N SER A 175 15.17 15.12 -1.43
CA SER A 175 14.23 14.58 -0.46
C SER A 175 14.47 13.10 -0.23
N GLY A 176 14.72 12.33 -1.30
CA GLY A 176 14.99 10.92 -1.12
C GLY A 176 16.25 10.68 -0.31
N THR A 177 17.33 11.39 -0.64
CA THR A 177 18.58 11.19 0.08
C THR A 177 18.42 11.55 1.56
N CYS A 178 17.83 12.70 1.85
CA CYS A 178 17.72 13.12 3.24
C CYS A 178 16.70 12.27 4.00
N ALA A 179 15.69 11.73 3.32
CA ALA A 179 14.80 10.78 3.96
C ALA A 179 15.55 9.48 4.29
N ALA A 180 16.45 9.06 3.41
CA ALA A 180 17.30 7.91 3.72
C ALA A 180 18.13 8.18 4.97
N TYR A 181 18.76 9.34 5.03
CA TYR A 181 19.54 9.72 6.21
C TYR A 181 18.74 10.66 7.11
N ALA A 182 17.62 10.14 7.63
CA ALA A 182 16.71 10.93 8.45
C ALA A 182 16.81 10.49 9.91
N PRO A 183 17.15 11.37 10.83
CA PRO A 183 17.33 10.96 12.23
C PRO A 183 16.04 10.59 12.94
N ASN A 184 15.04 11.46 12.90
CA ASN A 184 13.81 11.28 13.66
C ASN A 184 12.64 10.95 12.74
N TYR A 185 11.59 10.39 13.33
CA TYR A 185 10.45 9.92 12.55
C TYR A 185 9.75 11.08 11.84
N THR A 186 9.49 12.17 12.56
CA THR A 186 8.78 13.30 11.95
C THR A 186 9.60 13.92 10.83
N VAL A 187 10.92 13.93 10.97
CA VAL A 187 11.78 14.41 9.89
C VAL A 187 11.60 13.53 8.65
N TYR A 188 11.57 12.22 8.84
CA TYR A 188 11.36 11.30 7.73
C TYR A 188 9.99 11.53 7.09
N CYS A 189 8.97 11.77 7.90
CA CYS A 189 7.63 11.97 7.37
C CYS A 189 7.55 13.26 6.55
N VAL A 190 8.18 14.34 7.03
CA VAL A 190 8.18 15.59 6.27
C VAL A 190 8.98 15.43 4.98
N PHE A 191 10.07 14.67 5.03
CA PHE A 191 10.82 14.41 3.80
C PHE A 191 10.00 13.61 2.81
N ARG A 192 9.19 12.67 3.30
CA ARG A 192 8.26 11.96 2.43
C ARG A 192 7.22 12.90 1.84
N LEU A 193 6.74 13.85 2.65
CA LEU A 193 5.83 14.88 2.15
C LEU A 193 6.44 15.60 0.95
N LEU A 194 7.67 16.09 1.11
CA LEU A 194 8.33 16.80 0.01
C LEU A 194 8.55 15.88 -1.18
N SER A 195 8.95 14.63 -0.93
CA SER A 195 9.21 13.70 -2.02
C SER A 195 7.95 13.46 -2.84
N GLY A 196 6.81 13.27 -2.19
CA GLY A 196 5.56 13.15 -2.92
C GLY A 196 5.19 14.42 -3.66
N MET A 197 5.41 15.57 -3.03
CA MET A 197 5.15 16.85 -3.66
C MET A 197 5.86 16.94 -5.01
N SER A 198 7.13 16.54 -5.04
CA SER A 198 7.87 16.59 -6.29
C SER A 198 7.47 15.46 -7.24
N LEU A 199 7.19 14.27 -6.71
CA LEU A 199 7.01 13.09 -7.55
C LEU A 199 5.70 13.16 -8.33
N ALA A 200 4.63 13.60 -7.69
CA ALA A 200 3.38 13.72 -8.44
C ALA A 200 3.51 14.77 -9.54
N SER A 201 4.21 15.86 -9.26
CA SER A 201 4.40 16.91 -10.25
C SER A 201 5.16 16.39 -11.46
N ILE A 202 6.27 15.67 -11.22
CA ILE A 202 7.00 15.14 -12.36
C ILE A 202 6.18 14.09 -13.10
N ALA A 203 5.40 13.29 -12.37
CA ALA A 203 4.58 12.26 -13.02
C ALA A 203 3.57 12.87 -13.98
N ILE A 204 2.84 13.90 -13.52
CA ILE A 204 1.84 14.51 -14.39
C ILE A 204 2.51 15.32 -15.50
N ASN A 205 3.60 16.01 -15.20
CA ASN A 205 4.22 16.88 -16.19
C ASN A 205 4.91 16.08 -17.28
N CYS A 206 5.37 14.86 -16.98
CA CYS A 206 5.87 13.98 -18.02
C CYS A 206 4.84 13.77 -19.11
N MET A 207 3.63 13.36 -18.70
CA MET A 207 2.57 13.11 -19.65
C MET A 207 2.18 14.39 -20.37
N THR A 208 2.07 15.50 -19.65
CA THR A 208 1.61 16.73 -20.30
C THR A 208 2.64 17.24 -21.30
N LEU A 209 3.93 17.20 -20.97
CA LEU A 209 4.94 17.64 -21.91
C LEU A 209 5.01 16.73 -23.12
N ASN A 210 4.94 15.42 -22.90
CA ASN A 210 5.06 14.51 -24.04
C ASN A 210 3.86 14.61 -24.96
N VAL A 211 2.66 14.80 -24.38
CA VAL A 211 1.48 14.98 -25.20
C VAL A 211 1.50 16.33 -25.90
N GLU A 212 2.19 17.31 -25.33
CA GLU A 212 2.28 18.61 -25.98
C GLU A 212 3.27 18.60 -27.14
N TRP A 213 4.36 17.85 -27.01
CA TRP A 213 5.39 17.84 -28.07
C TRP A 213 5.12 16.82 -29.16
N MET A 214 4.10 16.01 -29.02
CA MET A 214 3.87 14.95 -29.99
C MET A 214 2.68 15.27 -30.88
N PRO A 215 2.62 14.70 -32.10
CA PRO A 215 1.49 14.99 -33.00
C PRO A 215 0.17 14.43 -32.49
N ILE A 216 -0.90 14.66 -33.26
CA ILE A 216 -2.23 14.24 -32.84
C ILE A 216 -2.35 12.72 -32.80
N HIS A 217 -1.64 12.02 -33.68
CA HIS A 217 -1.77 10.57 -33.81
C HIS A 217 -0.77 9.80 -32.96
N THR A 218 -0.40 10.34 -31.80
CA THR A 218 0.58 9.69 -30.93
C THR A 218 0.14 9.60 -29.48
N ARG A 219 -1.10 9.98 -29.17
CA ARG A 219 -1.58 9.92 -27.80
C ARG A 219 -1.65 8.48 -27.30
N ALA A 220 -2.14 7.57 -28.14
CA ALA A 220 -2.16 6.16 -27.77
C ALA A 220 -0.74 5.62 -27.58
N TYR A 221 0.19 6.07 -28.42
CA TYR A 221 1.59 5.68 -28.24
C TYR A 221 2.11 6.14 -26.90
N VAL A 222 1.80 7.39 -26.52
CA VAL A 222 2.24 7.91 -25.22
C VAL A 222 1.64 7.07 -24.10
N GLY A 223 0.36 6.74 -24.20
CA GLY A 223 -0.29 5.97 -23.14
C GLY A 223 0.32 4.59 -22.99
N THR A 224 0.52 3.88 -24.10
CA THR A 224 1.08 2.53 -24.00
C THR A 224 2.52 2.58 -23.52
N LEU A 225 3.27 3.62 -23.94
CA LEU A 225 4.64 3.75 -23.47
C LEU A 225 4.69 4.00 -21.96
N ILE A 226 3.81 4.86 -21.45
CA ILE A 226 3.84 5.15 -20.02
C ILE A 226 3.41 3.93 -19.23
N GLY A 227 2.44 3.15 -19.73
CA GLY A 227 2.08 1.92 -19.05
C GLY A 227 3.20 0.91 -19.03
N TYR A 228 3.86 0.71 -20.17
CA TYR A 228 4.97 -0.22 -20.24
C TYR A 228 6.09 0.19 -19.29
N VAL A 229 6.41 1.49 -19.25
CA VAL A 229 7.48 1.97 -18.39
C VAL A 229 7.11 1.81 -16.92
N TYR A 230 5.84 2.08 -16.58
CA TYR A 230 5.36 1.86 -15.22
C TYR A 230 5.56 0.41 -14.78
N SER A 231 5.11 -0.53 -15.61
CA SER A 231 5.24 -1.93 -15.25
C SER A 231 6.70 -2.35 -15.13
N LEU A 232 7.53 -1.93 -16.10
CA LEU A 232 8.94 -2.29 -16.04
C LEU A 232 9.62 -1.69 -14.82
N GLY A 233 9.21 -0.48 -14.42
CA GLY A 233 9.80 0.12 -13.23
C GLY A 233 9.40 -0.58 -11.94
N GLN A 234 8.16 -1.04 -11.84
CA GLN A 234 7.80 -1.81 -10.66
C GLN A 234 8.55 -3.15 -10.64
N PHE A 235 8.77 -3.74 -11.81
CA PHE A 235 9.68 -4.89 -11.90
C PHE A 235 11.08 -4.51 -11.43
N LEU A 236 11.53 -3.30 -11.76
CA LEU A 236 12.85 -2.85 -11.35
C LEU A 236 12.93 -2.75 -9.83
N LEU A 237 11.87 -2.25 -9.19
CA LEU A 237 11.83 -2.29 -7.73
C LEU A 237 11.90 -3.71 -7.21
N ALA A 238 11.17 -4.65 -7.84
CA ALA A 238 11.29 -6.04 -7.43
C ALA A 238 12.75 -6.48 -7.42
N GLY A 239 13.46 -6.20 -8.52
CA GLY A 239 14.85 -6.60 -8.62
C GLY A 239 15.73 -5.92 -7.58
N ILE A 240 15.54 -4.61 -7.38
CA ILE A 240 16.38 -3.86 -6.45
C ILE A 240 16.17 -4.37 -5.04
N ALA A 241 14.92 -4.62 -4.65
CA ALA A 241 14.64 -5.18 -3.33
C ALA A 241 15.30 -6.55 -3.18
N TYR A 242 15.24 -7.36 -4.23
CA TYR A 242 15.97 -8.63 -4.20
C TYR A 242 17.47 -8.42 -4.08
N ALA A 243 17.99 -7.26 -4.50
CA ALA A 243 19.41 -7.02 -4.48
C ALA A 243 19.90 -6.59 -3.09
N VAL A 244 19.41 -5.45 -2.61
CA VAL A 244 19.87 -4.86 -1.35
C VAL A 244 18.72 -4.90 -0.36
N PRO A 245 18.91 -5.48 0.83
CA PRO A 245 17.81 -5.54 1.80
C PRO A 245 17.74 -4.35 2.75
N HIS A 246 18.87 -3.67 2.96
CA HIS A 246 18.92 -2.57 3.91
C HIS A 246 18.05 -1.41 3.43
N TRP A 247 17.32 -0.80 4.35
CA TRP A 247 16.40 0.27 3.95
C TRP A 247 17.15 1.54 3.57
N ARG A 248 18.22 1.88 4.28
CA ARG A 248 18.99 3.08 3.91
C ARG A 248 19.65 2.90 2.55
N HIS A 249 20.33 1.77 2.36
CA HIS A 249 21.04 1.54 1.10
C HIS A 249 20.08 1.48 -0.07
N LEU A 250 18.95 0.79 0.10
CA LEU A 250 17.96 0.71 -0.96
C LEU A 250 17.32 2.07 -1.23
N GLN A 251 17.05 2.84 -0.18
CA GLN A 251 16.50 4.18 -0.38
C GLN A 251 17.46 5.05 -1.19
N LEU A 252 18.76 5.00 -0.86
CA LEU A 252 19.73 5.76 -1.64
C LEU A 252 19.81 5.24 -3.08
N VAL A 253 19.72 3.92 -3.26
CA VAL A 253 19.81 3.35 -4.60
C VAL A 253 18.64 3.83 -5.46
N VAL A 254 17.44 3.93 -4.87
CA VAL A 254 16.29 4.42 -5.64
C VAL A 254 16.17 5.93 -5.66
N SER A 255 16.95 6.65 -4.85
CA SER A 255 16.93 8.10 -4.87
C SER A 255 18.00 8.71 -5.76
N VAL A 256 19.15 8.05 -5.91
CA VAL A 256 20.22 8.61 -6.73
C VAL A 256 19.87 8.74 -8.21
N PRO A 257 19.11 7.82 -8.84
CA PRO A 257 18.97 7.93 -10.31
C PRO A 257 18.28 9.22 -10.74
N PHE A 258 17.37 9.76 -9.93
CA PHE A 258 16.88 11.10 -10.21
C PHE A 258 18.01 12.12 -10.20
N PHE A 259 18.93 12.00 -9.24
CA PHE A 259 20.03 12.94 -9.14
C PHE A 259 20.92 12.91 -10.37
N ILE A 260 21.25 11.70 -10.87
CA ILE A 260 22.07 11.62 -12.06
C ILE A 260 21.29 12.05 -13.29
N ALA A 261 20.02 11.65 -13.38
CA ALA A 261 19.21 11.99 -14.55
C ALA A 261 18.99 13.49 -14.68
N PHE A 262 19.07 14.21 -13.56
CA PHE A 262 18.97 15.67 -13.61
C PHE A 262 20.05 16.28 -14.51
N ILE A 263 21.25 15.69 -14.51
CA ILE A 263 22.36 16.23 -15.29
C ILE A 263 22.00 16.27 -16.77
N TYR A 264 21.53 15.14 -17.31
CA TYR A 264 21.10 15.12 -18.70
C TYR A 264 19.73 15.74 -18.89
N SER A 265 18.98 15.93 -17.81
CA SER A 265 17.70 16.62 -17.90
C SER A 265 17.89 18.10 -18.17
N TRP A 266 19.06 18.64 -17.79
CA TRP A 266 19.35 20.03 -18.12
C TRP A 266 19.26 20.35 -19.60
N PHE A 267 19.23 19.35 -20.50
CA PHE A 267 19.17 19.60 -21.93
C PHE A 267 17.79 19.34 -22.52
N PHE A 268 16.72 19.47 -21.74
CA PHE A 268 15.39 19.34 -22.30
C PHE A 268 15.05 20.54 -23.19
N ILE A 269 14.09 20.33 -24.07
CA ILE A 269 13.58 21.38 -24.95
C ILE A 269 12.20 21.76 -24.47
N GLU A 270 11.99 23.05 -24.23
CA GLU A 270 10.72 23.54 -23.69
C GLU A 270 9.60 23.36 -24.70
N SER A 271 8.36 23.29 -24.21
CA SER A 271 7.21 23.06 -25.08
C SER A 271 6.96 24.28 -25.96
N ALA A 272 7.08 24.11 -27.27
CA ALA A 272 6.81 25.21 -28.19
C ALA A 272 5.37 25.67 -28.09
N ARG A 273 4.44 24.73 -27.87
CA ARG A 273 3.04 25.11 -27.70
C ARG A 273 2.83 25.96 -26.47
N TRP A 274 3.52 25.65 -25.37
CA TRP A 274 3.40 26.49 -24.18
C TRP A 274 3.91 27.90 -24.47
N TYR A 275 5.02 28.00 -25.21
CA TYR A 275 5.55 29.31 -25.57
C TYR A 275 4.56 30.08 -26.43
N SER A 276 3.94 29.41 -27.40
CA SER A 276 2.95 30.09 -28.24
C SER A 276 1.75 30.54 -27.42
N SER A 277 1.28 29.69 -26.50
CA SER A 277 0.16 30.07 -25.65
C SER A 277 0.58 31.13 -24.64
N SER A 278 1.87 31.20 -24.30
CA SER A 278 2.33 32.23 -23.38
C SER A 278 2.25 33.62 -23.98
N GLY A 279 2.12 33.73 -25.31
CA GLY A 279 1.98 34.99 -25.99
C GLY A 279 3.23 35.49 -26.68
N ARG A 280 4.39 34.95 -26.37
CA ARG A 280 5.63 35.34 -27.02
C ARG A 280 6.02 34.30 -28.06
N LEU A 281 6.53 34.78 -29.20
CA LEU A 281 6.88 33.91 -30.32
C LEU A 281 8.35 33.94 -30.69
N ASP A 282 9.14 34.85 -30.13
CA ASP A 282 10.57 34.87 -30.43
C ASP A 282 11.26 33.61 -29.91
N LEU A 283 11.06 33.29 -28.64
CA LEU A 283 11.62 32.06 -28.10
C LEU A 283 10.98 30.84 -28.73
N THR A 284 9.72 30.95 -29.16
CA THR A 284 9.10 29.86 -29.89
C THR A 284 9.86 29.58 -31.18
N LEU A 285 10.12 30.62 -31.96
CA LEU A 285 10.87 30.44 -33.20
C LEU A 285 12.26 29.91 -32.92
N ARG A 286 12.90 30.38 -31.85
CA ARG A 286 14.21 29.85 -31.48
C ARG A 286 14.12 28.35 -31.17
N ALA A 287 13.06 27.94 -30.48
CA ALA A 287 12.89 26.52 -30.15
C ALA A 287 12.68 25.68 -31.40
N LEU A 288 11.86 26.15 -32.34
CA LEU A 288 11.70 25.40 -33.58
C LEU A 288 12.99 25.35 -34.39
N GLN A 289 13.77 26.45 -34.41
CA GLN A 289 15.06 26.40 -35.08
C GLN A 289 15.99 25.38 -34.43
N ARG A 290 16.01 25.35 -33.09
CA ARG A 290 16.85 24.42 -32.37
C ARG A 290 16.46 22.97 -32.66
N VAL A 291 15.15 22.69 -32.63
CA VAL A 291 14.72 21.31 -32.88
C VAL A 291 14.96 20.93 -34.34
N ALA A 292 14.84 21.88 -35.26
CA ALA A 292 15.17 21.61 -36.66
C ALA A 292 16.65 21.26 -36.79
N ARG A 293 17.52 21.99 -36.09
CA ARG A 293 18.94 21.66 -36.09
C ARG A 293 19.18 20.27 -35.52
N ILE A 294 18.52 19.95 -34.41
CA ILE A 294 18.68 18.63 -33.81
C ILE A 294 18.09 17.56 -34.71
N ASN A 295 16.93 17.83 -35.32
CA ASN A 295 16.35 16.87 -36.25
C ASN A 295 17.17 16.73 -37.53
N GLY A 296 18.14 17.62 -37.76
CA GLY A 296 19.01 17.52 -38.91
C GLY A 296 18.48 18.15 -40.18
N LYS A 297 17.31 18.77 -40.14
CA LYS A 297 16.72 19.42 -41.31
C LYS A 297 16.66 20.92 -41.08
N GLN A 298 17.09 21.69 -42.08
CA GLN A 298 17.11 23.15 -41.96
C GLN A 298 16.56 23.89 -43.16
N GLU A 299 16.55 23.31 -44.36
CA GLU A 299 16.05 24.03 -45.53
C GLU A 299 14.55 24.31 -45.40
N GLU A 300 13.78 23.35 -44.89
CA GLU A 300 12.36 23.56 -44.72
C GLU A 300 12.06 24.43 -43.50
N GLY A 301 12.86 24.31 -42.44
CA GLY A 301 12.67 25.14 -41.27
C GLY A 301 13.17 26.56 -41.42
N ALA A 302 13.93 26.84 -42.48
CA ALA A 302 14.38 28.21 -42.72
C ALA A 302 13.22 29.14 -43.02
N LYS A 303 12.22 28.65 -43.76
CA LYS A 303 11.06 29.47 -44.08
C LYS A 303 10.26 29.85 -42.85
N LEU A 304 10.45 29.15 -41.73
CA LEU A 304 9.76 29.49 -40.49
C LEU A 304 10.17 30.88 -40.02
N SER A 305 9.22 31.82 -40.07
CA SER A 305 9.46 33.19 -39.64
C SER A 305 8.43 33.58 -38.59
N ILE A 306 8.61 34.77 -38.02
CA ILE A 306 7.73 35.22 -36.94
C ILE A 306 6.29 35.31 -37.42
N GLU A 307 6.08 35.83 -38.63
CA GLU A 307 4.74 35.91 -39.19
C GLU A 307 4.22 34.56 -39.66
N VAL A 308 5.10 33.59 -39.89
CA VAL A 308 4.66 32.30 -40.43
C VAL A 308 3.79 31.57 -39.41
N LEU A 309 4.27 31.44 -38.17
CA LEU A 309 3.44 30.82 -37.14
C LEU A 309 2.41 31.79 -36.59
N ARG A 310 2.62 33.10 -36.74
CA ARG A 310 1.60 34.06 -36.35
C ARG A 310 0.33 33.87 -37.17
N THR A 311 0.49 33.63 -38.48
CA THR A 311 -0.65 33.32 -39.34
C THR A 311 -1.11 31.88 -39.20
N SER A 312 -0.37 31.04 -38.46
CA SER A 312 -0.71 29.64 -38.30
C SER A 312 -1.41 29.33 -36.99
N LEU A 313 -1.06 30.03 -35.91
CA LEU A 313 -1.60 29.74 -34.58
C LEU A 313 -2.36 30.97 -34.08
N GLN A 314 -3.63 31.07 -34.46
CA GLN A 314 -4.53 32.07 -33.89
C GLN A 314 -5.92 31.53 -33.55
N LYS A 315 -6.35 30.42 -34.16
CA LYS A 315 -7.71 29.93 -33.91
C LYS A 315 -7.85 29.44 -32.48
N GLU A 316 -6.88 28.64 -32.01
CA GLU A 316 -6.96 28.10 -30.65
C GLU A 316 -6.73 29.18 -29.60
N LEU A 317 -5.93 30.20 -29.93
CA LEU A 317 -5.70 31.28 -28.97
C LEU A 317 -6.98 32.04 -28.67
N THR A 318 -7.78 32.31 -29.70
CA THR A 318 -9.03 33.02 -29.52
C THR A 318 -10.06 32.18 -28.78
N SER A 325 -14.52 27.18 -15.15
CA SER A 325 -13.67 26.12 -14.64
C SER A 325 -14.49 25.13 -13.80
N ALA A 326 -14.48 25.34 -12.48
CA ALA A 326 -15.20 24.45 -11.56
C ALA A 326 -16.61 24.94 -11.24
N MET A 327 -16.83 26.25 -11.19
CA MET A 327 -18.14 26.76 -10.82
C MET A 327 -19.20 26.34 -11.83
N GLU A 328 -18.91 26.49 -13.12
CA GLU A 328 -19.84 26.01 -14.14
C GLU A 328 -19.82 24.49 -14.22
N LEU A 329 -18.74 23.85 -13.78
CA LEU A 329 -18.71 22.39 -13.72
C LEU A 329 -19.74 21.86 -12.74
N LEU A 330 -19.88 22.52 -11.59
CA LEU A 330 -20.86 22.11 -10.59
C LEU A 330 -22.23 22.75 -10.82
N ARG A 331 -22.32 23.81 -11.62
CA ARG A 331 -23.60 24.50 -11.79
C ARG A 331 -24.57 23.67 -12.63
N CYS A 332 -24.12 23.12 -13.74
CA CYS A 332 -25.02 22.39 -14.64
C CYS A 332 -25.44 21.09 -13.98
N PRO A 333 -26.75 20.84 -13.86
CA PRO A 333 -27.19 19.62 -13.14
C PRO A 333 -26.68 18.32 -13.75
N THR A 334 -26.89 18.12 -15.05
CA THR A 334 -26.40 16.90 -15.70
C THR A 334 -24.88 16.82 -15.66
N LEU A 335 -24.21 17.95 -15.91
CA LEU A 335 -22.75 17.97 -15.86
C LEU A 335 -22.26 17.71 -14.44
N ARG A 336 -22.91 18.30 -13.44
CA ARG A 336 -22.54 18.00 -12.06
C ARG A 336 -22.71 16.53 -11.74
N HIS A 337 -23.82 15.93 -12.19
CA HIS A 337 -24.08 14.52 -11.90
C HIS A 337 -23.01 13.63 -12.53
N LEU A 338 -22.73 13.84 -13.82
CA LEU A 338 -21.76 12.95 -14.47
C LEU A 338 -20.35 13.19 -13.94
N PHE A 339 -20.04 14.45 -13.57
CA PHE A 339 -18.74 14.71 -12.95
C PHE A 339 -18.63 13.99 -11.61
N LEU A 340 -19.69 14.03 -10.81
CA LEU A 340 -19.66 13.36 -9.52
C LEU A 340 -19.48 11.85 -9.71
N CYS A 341 -20.22 11.27 -10.65
CA CYS A 341 -20.07 9.84 -10.91
C CYS A 341 -18.65 9.51 -11.34
N LEU A 342 -18.11 10.28 -12.29
CA LEU A 342 -16.78 9.99 -12.81
C LEU A 342 -15.72 10.12 -11.72
N SER A 343 -15.82 11.18 -10.91
CA SER A 343 -14.83 11.42 -9.88
C SER A 343 -14.94 10.38 -8.76
N MET A 344 -16.16 9.95 -8.44
CA MET A 344 -16.31 8.87 -7.46
C MET A 344 -15.69 7.59 -7.99
N LEU A 345 -15.86 7.33 -9.29
CA LEU A 345 -15.21 6.16 -9.89
C LEU A 345 -13.70 6.25 -9.76
N TRP A 346 -13.13 7.41 -10.08
CA TRP A 346 -11.68 7.60 -9.94
C TRP A 346 -11.24 7.36 -8.50
N PHE A 347 -11.95 7.97 -7.54
CA PHE A 347 -11.62 7.82 -6.14
C PHE A 347 -11.63 6.36 -5.72
N ALA A 348 -12.71 5.65 -6.05
CA ALA A 348 -12.84 4.27 -5.64
C ALA A 348 -11.76 3.40 -6.26
N THR A 349 -11.50 3.60 -7.57
CA THR A 349 -10.52 2.77 -8.25
C THR A 349 -9.13 2.96 -7.66
N SER A 350 -8.69 4.21 -7.53
CA SER A 350 -7.35 4.45 -6.99
C SER A 350 -7.24 3.97 -5.55
N PHE A 351 -8.27 4.24 -4.74
CA PHE A 351 -8.24 3.83 -3.35
C PHE A 351 -8.12 2.33 -3.21
N ALA A 352 -8.95 1.59 -3.96
CA ALA A 352 -8.89 0.13 -3.90
C ALA A 352 -7.55 -0.38 -4.41
N TYR A 353 -7.03 0.21 -5.49
CA TYR A 353 -5.77 -0.27 -6.04
C TYR A 353 -4.63 -0.12 -5.04
N TYR A 354 -4.54 1.05 -4.39
CA TYR A 354 -3.43 1.24 -3.47
C TYR A 354 -3.64 0.48 -2.18
N GLY A 355 -4.88 0.30 -1.74
CA GLY A 355 -5.12 -0.58 -0.61
C GLY A 355 -4.71 -2.02 -0.88
N LEU A 356 -4.97 -2.49 -2.11
CA LEU A 356 -4.55 -3.83 -2.49
C LEU A 356 -3.03 -3.93 -2.55
N VAL A 357 -2.39 -3.00 -3.25
CA VAL A 357 -0.96 -3.15 -3.54
C VAL A 357 -0.09 -2.80 -2.34
N MET A 358 -0.60 -2.03 -1.38
CA MET A 358 0.22 -1.60 -0.26
C MET A 358 0.43 -2.71 0.77
N ASP A 359 -0.42 -3.74 0.78
CA ASP A 359 -0.36 -4.78 1.79
C ASP A 359 0.08 -6.08 1.11
N LEU A 360 1.19 -6.65 1.59
CA LEU A 360 1.55 -8.02 1.21
C LEU A 360 2.07 -8.82 2.41
N GLN A 361 1.99 -8.29 3.63
CA GLN A 361 2.46 -9.02 4.79
C GLN A 361 1.77 -10.37 4.91
N GLY A 362 0.45 -10.39 4.84
CA GLY A 362 -0.30 -11.62 5.00
C GLY A 362 -0.44 -12.43 3.73
N PHE A 363 0.65 -12.56 2.98
CA PHE A 363 0.65 -13.35 1.76
C PHE A 363 1.51 -14.60 1.86
N GLY A 364 2.28 -14.76 2.92
CA GLY A 364 3.04 -15.98 3.13
C GLY A 364 4.27 -16.11 2.24
N VAL A 365 4.09 -15.89 0.94
CA VAL A 365 5.16 -16.04 -0.03
C VAL A 365 6.19 -14.92 0.14
N SER A 366 7.34 -15.10 -0.50
CA SER A 366 8.39 -14.08 -0.42
C SER A 366 7.93 -12.78 -1.09
N MET A 367 8.42 -11.67 -0.55
CA MET A 367 8.05 -10.36 -1.09
C MET A 367 8.49 -10.21 -2.54
N TYR A 368 9.70 -10.64 -2.84
CA TYR A 368 10.23 -10.46 -4.19
C TYR A 368 9.42 -11.23 -5.22
N LEU A 369 9.04 -12.47 -4.89
CA LEU A 369 8.29 -13.29 -5.84
C LEU A 369 6.91 -12.72 -6.12
N ILE A 370 6.20 -12.30 -5.07
CA ILE A 370 4.89 -11.71 -5.28
C ILE A 370 5.00 -10.40 -6.03
N GLN A 371 6.06 -9.63 -5.78
CA GLN A 371 6.26 -8.38 -6.52
C GLN A 371 6.49 -8.65 -8.00
N VAL A 372 7.34 -9.63 -8.33
CA VAL A 372 7.64 -9.85 -9.74
C VAL A 372 6.42 -10.44 -10.46
N ILE A 373 5.65 -11.28 -9.78
CA ILE A 373 4.45 -11.79 -10.44
C ILE A 373 3.42 -10.69 -10.61
N PHE A 374 3.35 -9.73 -9.68
CA PHE A 374 2.55 -8.54 -9.90
C PHE A 374 3.02 -7.79 -11.14
N GLY A 375 4.34 -7.67 -11.31
CA GLY A 375 4.86 -7.04 -12.52
C GLY A 375 4.47 -7.80 -13.77
N ALA A 376 4.51 -9.13 -13.71
CA ALA A 376 4.21 -9.94 -14.89
C ALA A 376 2.75 -9.82 -15.29
N VAL A 377 1.83 -9.76 -14.31
CA VAL A 377 0.41 -9.80 -14.64
C VAL A 377 -0.06 -8.57 -15.41
N ASP A 378 0.66 -7.45 -15.33
CA ASP A 378 0.12 -6.19 -15.85
C ASP A 378 -0.01 -6.20 -17.36
N LEU A 379 1.01 -6.65 -18.08
CA LEU A 379 0.96 -6.59 -19.54
C LEU A 379 -0.17 -7.42 -20.13
N PRO A 380 -0.40 -8.68 -19.72
CA PRO A 380 -1.60 -9.38 -20.22
C PRO A 380 -2.88 -8.67 -19.86
N ALA A 381 -2.95 -8.02 -18.70
CA ALA A 381 -4.13 -7.25 -18.35
C ALA A 381 -4.34 -6.08 -19.32
N LYS A 382 -3.24 -5.41 -19.69
CA LYS A 382 -3.34 -4.33 -20.67
C LYS A 382 -3.84 -4.85 -22.01
N PHE A 383 -3.30 -6.00 -22.45
CA PHE A 383 -3.75 -6.59 -23.71
C PHE A 383 -5.23 -6.94 -23.65
N VAL A 384 -5.67 -7.54 -22.54
CA VAL A 384 -7.06 -7.94 -22.41
C VAL A 384 -7.97 -6.71 -22.43
N CYS A 385 -7.58 -5.66 -21.73
CA CYS A 385 -8.40 -4.45 -21.69
C CYS A 385 -8.49 -3.81 -23.08
N PHE A 386 -7.36 -3.74 -23.80
CA PHE A 386 -7.41 -3.18 -25.14
C PHE A 386 -8.29 -4.01 -26.05
N LEU A 387 -8.18 -5.34 -25.96
CA LEU A 387 -9.00 -6.20 -26.80
C LEU A 387 -10.49 -6.02 -26.50
N VAL A 388 -10.85 -5.98 -25.21
CA VAL A 388 -12.26 -5.88 -24.87
C VAL A 388 -12.82 -4.50 -25.23
N ILE A 389 -12.04 -3.43 -25.06
CA ILE A 389 -12.55 -2.12 -25.45
C ILE A 389 -12.65 -1.97 -26.95
N ASN A 390 -11.77 -2.62 -27.72
CA ASN A 390 -11.83 -2.52 -29.17
C ASN A 390 -12.77 -3.54 -29.80
N SER A 391 -13.27 -4.51 -29.04
CA SER A 391 -14.17 -5.51 -29.57
C SER A 391 -15.58 -5.41 -29.01
N MET A 392 -15.73 -5.44 -27.69
CA MET A 392 -17.06 -5.40 -27.08
C MET A 392 -17.44 -3.97 -26.68
N GLY A 393 -16.58 -3.29 -25.96
CA GLY A 393 -16.85 -1.95 -25.52
C GLY A 393 -16.03 -1.60 -24.31
N ARG A 394 -16.18 -0.35 -23.86
CA ARG A 394 -15.44 0.16 -22.72
C ARG A 394 -16.25 0.09 -21.42
N ARG A 395 -17.49 0.53 -21.44
CA ARG A 395 -18.30 0.50 -20.22
C ARG A 395 -18.50 -0.91 -19.68
N PRO A 396 -19.02 -1.89 -20.45
CA PRO A 396 -19.22 -3.22 -19.87
C PRO A 396 -17.94 -3.83 -19.36
N ALA A 397 -16.83 -3.61 -20.06
CA ALA A 397 -15.53 -4.02 -19.54
C ALA A 397 -15.24 -3.33 -18.22
N GLN A 398 -15.67 -2.08 -18.07
CA GLN A 398 -15.40 -1.36 -16.84
C GLN A 398 -16.11 -2.01 -15.66
N MET A 399 -17.44 -2.19 -15.77
CA MET A 399 -18.14 -2.80 -14.64
C MET A 399 -17.69 -4.24 -14.42
N ALA A 400 -17.35 -4.95 -15.50
CA ALA A 400 -16.74 -6.27 -15.33
C ALA A 400 -15.52 -6.17 -14.43
N SER A 401 -14.50 -5.42 -14.87
CA SER A 401 -13.25 -5.33 -14.14
C SER A 401 -13.49 -4.99 -12.67
N LEU A 402 -14.39 -4.05 -12.38
CA LEU A 402 -14.68 -3.78 -10.97
C LEU A 402 -15.31 -4.98 -10.27
N LEU A 403 -16.22 -5.71 -10.94
CA LEU A 403 -16.82 -6.87 -10.28
C LEU A 403 -15.77 -7.93 -9.95
N LEU A 404 -14.93 -8.29 -10.93
CA LEU A 404 -13.91 -9.29 -10.64
C LEU A 404 -12.93 -8.80 -9.56
N ALA A 405 -12.54 -7.52 -9.62
CA ALA A 405 -11.63 -7.02 -8.60
C ALA A 405 -12.26 -7.09 -7.21
N GLY A 406 -13.52 -6.67 -7.10
CA GLY A 406 -14.19 -6.70 -5.81
C GLY A 406 -14.31 -8.10 -5.26
N ILE A 407 -14.78 -9.03 -6.09
CA ILE A 407 -14.93 -10.40 -5.61
C ILE A 407 -13.57 -10.98 -5.25
N CYS A 408 -12.53 -10.65 -6.01
CA CYS A 408 -11.18 -11.08 -5.65
C CYS A 408 -10.83 -10.60 -4.25
N ILE A 409 -11.10 -9.34 -3.95
CA ILE A 409 -10.70 -8.79 -2.66
C ILE A 409 -11.50 -9.42 -1.52
N LEU A 410 -12.84 -9.51 -1.67
CA LEU A 410 -13.61 -10.11 -0.58
C LEU A 410 -13.23 -11.57 -0.33
N VAL A 411 -13.11 -12.38 -1.39
CA VAL A 411 -12.78 -13.78 -1.17
C VAL A 411 -11.36 -13.92 -0.62
N ASN A 412 -10.44 -13.03 -1.00
CA ASN A 412 -9.12 -13.05 -0.36
C ASN A 412 -9.24 -12.70 1.12
N GLY A 413 -10.13 -11.78 1.46
CA GLY A 413 -10.31 -11.41 2.86
C GLY A 413 -10.88 -12.53 3.71
N ILE A 414 -11.92 -13.20 3.20
CA ILE A 414 -12.60 -14.20 4.02
C ILE A 414 -11.77 -15.47 4.13
N ILE A 415 -11.08 -15.85 3.04
CA ILE A 415 -10.31 -17.09 3.06
C ILE A 415 -9.25 -17.03 4.14
N PRO A 416 -9.09 -18.08 4.95
CA PRO A 416 -8.10 -18.03 6.03
C PRO A 416 -6.68 -17.87 5.50
N LYS A 417 -5.83 -17.28 6.34
CA LYS A 417 -4.45 -17.00 5.95
C LYS A 417 -3.67 -18.26 5.63
N SER A 418 -4.13 -19.42 6.09
CA SER A 418 -3.37 -20.66 5.87
C SER A 418 -3.18 -20.95 4.39
N HIS A 419 -4.23 -20.76 3.59
CA HIS A 419 -4.11 -20.95 2.15
C HIS A 419 -3.25 -19.84 1.56
N THR A 420 -2.28 -20.23 0.73
CA THR A 420 -1.26 -19.31 0.23
C THR A 420 -1.30 -19.15 -1.28
N ILE A 421 -1.23 -20.26 -2.02
CA ILE A 421 -1.15 -20.18 -3.48
C ILE A 421 -2.40 -19.55 -4.05
N ILE A 422 -3.56 -20.00 -3.59
CA ILE A 422 -4.82 -19.46 -4.10
C ILE A 422 -4.94 -17.98 -3.76
N ARG A 423 -4.57 -17.60 -2.54
CA ARG A 423 -4.64 -16.19 -2.14
C ARG A 423 -3.74 -15.34 -3.03
N THR A 424 -2.50 -15.78 -3.25
CA THR A 424 -1.56 -15.00 -4.05
C THR A 424 -2.02 -14.88 -5.50
N SER A 425 -2.49 -15.99 -6.09
CA SER A 425 -2.95 -15.94 -7.46
C SER A 425 -4.18 -15.04 -7.60
N LEU A 426 -5.07 -15.09 -6.61
CA LEU A 426 -6.29 -14.30 -6.67
C LEU A 426 -5.98 -12.82 -6.51
N ALA A 427 -5.05 -12.48 -5.63
CA ALA A 427 -4.60 -11.10 -5.52
C ALA A 427 -3.93 -10.63 -6.81
N VAL A 428 -3.18 -11.52 -7.45
CA VAL A 428 -2.56 -11.20 -8.74
C VAL A 428 -3.62 -10.86 -9.76
N LEU A 429 -4.66 -11.69 -9.84
CA LEU A 429 -5.75 -11.45 -10.78
C LEU A 429 -6.47 -10.15 -10.46
N GLY A 430 -6.70 -9.89 -9.17
CA GLY A 430 -7.35 -8.65 -8.79
C GLY A 430 -6.56 -7.42 -9.19
N LYS A 431 -5.25 -7.45 -8.95
CA LYS A 431 -4.42 -6.32 -9.35
C LYS A 431 -4.39 -6.15 -10.86
N GLY A 432 -4.32 -7.26 -11.61
CA GLY A 432 -4.32 -7.15 -13.05
C GLY A 432 -5.59 -6.54 -13.59
N CYS A 433 -6.74 -7.04 -13.12
CA CYS A 433 -8.00 -6.48 -13.59
C CYS A 433 -8.20 -5.05 -13.12
N LEU A 434 -7.61 -4.70 -11.97
CA LEU A 434 -7.73 -3.33 -11.49
C LEU A 434 -6.90 -2.38 -12.35
N ALA A 435 -5.71 -2.80 -12.77
CA ALA A 435 -4.93 -1.99 -13.70
C ALA A 435 -5.65 -1.86 -15.05
N SER A 436 -6.30 -2.95 -15.48
CA SER A 436 -7.12 -2.86 -16.69
C SER A 436 -8.23 -1.83 -16.51
N SER A 437 -8.90 -1.86 -15.36
CA SER A 437 -9.92 -0.86 -15.07
C SER A 437 -9.34 0.54 -15.05
N PHE A 438 -8.09 0.69 -14.60
CA PHE A 438 -7.44 2.00 -14.57
C PHE A 438 -7.27 2.53 -15.99
N ASN A 439 -6.75 1.70 -16.89
CA ASN A 439 -6.63 2.12 -18.28
C ASN A 439 -8.01 2.46 -18.86
N CYS A 440 -9.01 1.63 -18.54
CA CYS A 440 -10.34 1.84 -19.07
C CYS A 440 -10.94 3.16 -18.58
N ILE A 441 -10.77 3.48 -17.30
CA ILE A 441 -11.36 4.71 -16.77
C ILE A 441 -10.64 5.92 -17.35
N PHE A 442 -9.32 5.84 -17.49
CA PHE A 442 -8.60 6.96 -18.12
C PHE A 442 -9.09 7.19 -19.54
N LEU A 443 -9.22 6.12 -20.33
CA LEU A 443 -9.68 6.27 -21.71
C LEU A 443 -11.09 6.81 -21.76
N TYR A 444 -11.98 6.30 -20.90
CA TYR A 444 -13.37 6.72 -20.93
C TYR A 444 -13.50 8.19 -20.52
N THR A 445 -12.77 8.61 -19.50
CA THR A 445 -12.81 10.00 -19.09
C THR A 445 -12.28 10.90 -20.20
N GLY A 446 -11.19 10.49 -20.85
CA GLY A 446 -10.66 11.28 -21.95
C GLY A 446 -11.63 11.41 -23.11
N GLU A 447 -12.32 10.32 -23.45
CA GLU A 447 -13.21 10.32 -24.60
C GLU A 447 -14.64 10.69 -24.28
N LEU A 448 -14.95 11.03 -23.03
CA LEU A 448 -16.32 11.33 -22.63
C LEU A 448 -16.57 12.82 -22.46
N TYR A 449 -15.68 13.52 -21.76
CA TYR A 449 -15.93 14.90 -21.42
C TYR A 449 -15.89 15.78 -22.67
N PRO A 450 -16.68 16.86 -22.69
CA PRO A 450 -16.57 17.83 -23.77
C PRO A 450 -15.20 18.49 -23.80
N THR A 451 -14.78 18.88 -25.00
CA THR A 451 -13.42 19.39 -25.19
C THR A 451 -13.16 20.66 -24.38
N VAL A 452 -14.20 21.41 -24.01
CA VAL A 452 -13.99 22.65 -23.28
C VAL A 452 -13.39 22.37 -21.90
N ILE A 453 -13.92 21.39 -21.20
CA ILE A 453 -13.49 21.08 -19.85
C ILE A 453 -12.85 19.69 -19.77
N ARG A 454 -12.35 19.18 -20.89
CA ARG A 454 -11.72 17.86 -20.89
C ARG A 454 -10.48 17.84 -20.01
N GLN A 455 -9.59 18.82 -20.19
CA GLN A 455 -8.37 18.85 -19.39
C GLN A 455 -8.67 19.06 -17.91
N THR A 456 -9.56 20.01 -17.60
CA THR A 456 -9.93 20.23 -16.20
C THR A 456 -10.66 19.03 -15.63
N GLY A 457 -11.43 18.32 -16.46
CA GLY A 457 -12.07 17.10 -15.98
C GLY A 457 -11.07 16.02 -15.64
N LEU A 458 -10.06 15.84 -16.50
CA LEU A 458 -8.99 14.91 -16.18
C LEU A 458 -8.29 15.31 -14.88
N GLY A 459 -8.05 16.60 -14.70
CA GLY A 459 -7.43 17.08 -13.47
C GLY A 459 -8.26 16.75 -12.24
N MET A 460 -9.57 16.99 -12.33
CA MET A 460 -10.45 16.71 -11.19
C MET A 460 -10.50 15.21 -10.89
N GLY A 461 -10.58 14.39 -11.94
CA GLY A 461 -10.55 12.94 -11.72
C GLY A 461 -9.25 12.50 -11.06
N SER A 462 -8.13 13.05 -11.51
CA SER A 462 -6.85 12.72 -10.90
C SER A 462 -6.80 13.16 -9.44
N THR A 463 -7.34 14.34 -9.14
CA THR A 463 -7.30 14.83 -7.76
C THR A 463 -8.14 13.95 -6.85
N MET A 464 -9.34 13.54 -7.29
CA MET A 464 -10.12 12.68 -6.42
C MET A 464 -9.52 11.28 -6.31
N ALA A 465 -8.85 10.81 -7.37
CA ALA A 465 -8.12 9.56 -7.26
C ALA A 465 -7.00 9.69 -6.22
N ARG A 466 -6.32 10.82 -6.20
CA ARG A 466 -5.29 11.06 -5.18
C ARG A 466 -5.91 11.13 -3.80
N VAL A 467 -7.11 11.68 -3.68
CA VAL A 467 -7.79 11.71 -2.38
C VAL A 467 -8.06 10.30 -1.90
N GLY A 468 -8.55 9.45 -2.78
CA GLY A 468 -8.79 8.06 -2.41
C GLY A 468 -7.53 7.33 -2.03
N SER A 469 -6.46 7.54 -2.81
CA SER A 469 -5.17 6.95 -2.46
C SER A 469 -4.66 7.48 -1.13
N ILE A 470 -5.00 8.72 -0.80
CA ILE A 470 -4.63 9.31 0.49
C ILE A 470 -5.34 8.59 1.62
N VAL A 471 -6.64 8.38 1.46
CA VAL A 471 -7.42 7.77 2.53
C VAL A 471 -7.21 6.27 2.63
N SER A 472 -6.60 5.65 1.61
CA SER A 472 -6.34 4.21 1.69
C SER A 472 -5.49 3.81 2.88
N PRO A 473 -4.31 4.40 3.13
CA PRO A 473 -3.57 4.03 4.35
C PRO A 473 -4.33 4.35 5.62
N LEU A 474 -5.13 5.42 5.64
CA LEU A 474 -5.92 5.71 6.82
C LEU A 474 -6.88 4.57 7.13
N VAL A 475 -7.56 4.04 6.10
CA VAL A 475 -8.46 2.92 6.30
C VAL A 475 -7.68 1.69 6.74
N SER A 476 -6.54 1.42 6.07
CA SER A 476 -5.76 0.24 6.40
C SER A 476 -5.15 0.31 7.80
N MET A 477 -5.05 1.52 8.37
CA MET A 477 -4.50 1.64 9.71
C MET A 477 -5.36 0.92 10.74
N THR A 478 -6.66 0.81 10.48
CA THR A 478 -7.58 0.20 11.44
C THR A 478 -7.57 -1.32 11.33
N ALA A 479 -6.39 -1.94 11.38
CA ALA A 479 -6.30 -3.39 11.35
C ALA A 479 -6.47 -4.01 12.73
N GLU A 480 -6.38 -3.21 13.79
CA GLU A 480 -6.51 -3.74 15.14
C GLU A 480 -7.96 -4.04 15.49
N PHE A 481 -8.92 -3.33 14.88
CA PHE A 481 -10.32 -3.60 15.17
C PHE A 481 -10.73 -5.00 14.74
N TYR A 482 -10.26 -5.43 13.57
CA TYR A 482 -10.49 -6.77 13.07
C TYR A 482 -9.41 -7.01 12.03
N PRO A 483 -8.78 -8.18 12.00
CA PRO A 483 -7.55 -8.35 11.21
C PRO A 483 -7.73 -8.15 9.72
N SER A 484 -8.95 -8.25 9.19
CA SER A 484 -9.15 -8.18 7.74
C SER A 484 -10.27 -7.24 7.30
N MET A 485 -10.84 -6.44 8.18
CA MET A 485 -11.90 -5.54 7.76
C MET A 485 -11.36 -4.39 6.89
N PRO A 486 -10.08 -3.99 6.99
CA PRO A 486 -9.53 -3.17 5.90
C PRO A 486 -9.66 -3.81 4.53
N LEU A 487 -9.43 -5.12 4.43
CA LEU A 487 -9.70 -5.81 3.16
C LEU A 487 -11.17 -5.78 2.82
N PHE A 488 -12.03 -5.89 3.84
CA PHE A 488 -13.47 -5.84 3.61
C PHE A 488 -13.87 -4.51 2.99
N ILE A 489 -13.35 -3.40 3.52
CA ILE A 489 -13.67 -2.10 2.95
C ILE A 489 -13.06 -1.95 1.56
N PHE A 490 -11.83 -2.44 1.38
CA PHE A 490 -11.19 -2.35 0.07
C PHE A 490 -11.99 -3.07 -1.00
N GLY A 491 -12.63 -4.19 -0.62
CA GLY A 491 -13.45 -4.91 -1.57
C GLY A 491 -14.87 -4.39 -1.68
N ALA A 492 -15.34 -3.69 -0.64
CA ALA A 492 -16.68 -3.14 -0.67
C ALA A 492 -16.77 -1.87 -1.53
N VAL A 493 -15.71 -1.06 -1.51
CA VAL A 493 -15.76 0.23 -2.22
C VAL A 493 -15.99 0.07 -3.72
N PRO A 494 -15.25 -0.76 -4.46
CA PRO A 494 -15.46 -0.80 -5.89
C PRO A 494 -16.62 -1.65 -6.38
N VAL A 495 -17.24 -2.48 -5.53
CA VAL A 495 -18.55 -3.03 -5.88
C VAL A 495 -19.56 -1.90 -6.00
N VAL A 496 -19.56 -0.98 -5.04
CA VAL A 496 -20.42 0.20 -5.13
C VAL A 496 -20.01 1.07 -6.30
N ALA A 497 -18.71 1.17 -6.58
CA ALA A 497 -18.26 1.94 -7.73
C ALA A 497 -18.80 1.36 -9.03
N SER A 498 -18.76 0.03 -9.17
CA SER A 498 -19.35 -0.62 -10.33
C SER A 498 -20.86 -0.39 -10.39
N ALA A 499 -21.51 -0.44 -9.23
CA ALA A 499 -22.95 -0.21 -9.19
C ALA A 499 -23.31 1.16 -9.73
N VAL A 500 -22.57 2.19 -9.32
CA VAL A 500 -22.88 3.53 -9.83
C VAL A 500 -22.47 3.66 -11.29
N THR A 501 -21.33 3.10 -11.68
CA THR A 501 -20.92 3.20 -13.08
C THR A 501 -21.82 2.42 -14.01
N ALA A 502 -22.66 1.53 -13.49
CA ALA A 502 -23.65 0.86 -14.32
C ALA A 502 -24.61 1.85 -14.97
N LEU A 503 -24.77 3.04 -14.40
CA LEU A 503 -25.66 4.07 -14.95
C LEU A 503 -24.84 5.29 -15.35
N LEU A 504 -24.69 5.47 -16.67
CA LEU A 504 -24.06 6.64 -17.28
C LEU A 504 -24.16 6.51 -18.80
N PRO A 505 -24.13 7.62 -19.54
CA PRO A 505 -24.25 7.52 -21.01
C PRO A 505 -23.10 6.73 -21.62
N GLU A 506 -23.42 6.02 -22.70
CA GLU A 506 -22.46 5.16 -23.38
C GLU A 506 -21.87 5.87 -24.59
N THR A 507 -20.59 5.62 -24.84
CA THR A 507 -19.84 6.33 -25.87
C THR A 507 -19.34 5.39 -26.98
N LEU A 508 -20.18 4.43 -27.39
CA LEU A 508 -19.88 3.62 -28.56
C LEU A 508 -20.42 4.22 -29.85
N GLY A 509 -20.98 5.43 -29.80
CA GLY A 509 -21.33 6.17 -30.99
C GLY A 509 -20.26 7.13 -31.47
N GLN A 510 -19.10 7.13 -30.83
CA GLN A 510 -18.01 8.09 -31.05
C GLN A 510 -18.53 9.52 -31.28
N PRO A 511 -19.28 10.07 -30.32
CA PRO A 511 -19.75 11.45 -30.49
C PRO A 511 -18.64 12.46 -30.28
N LEU A 512 -17.85 12.26 -29.21
CA LEU A 512 -16.80 13.19 -28.80
C LEU A 512 -17.37 14.60 -28.68
N PRO A 513 -18.19 14.87 -27.66
CA PRO A 513 -18.85 16.17 -27.57
C PRO A 513 -17.86 17.32 -27.42
N ASP A 514 -18.24 18.48 -27.94
CA ASP A 514 -17.42 19.68 -27.83
C ASP A 514 -18.11 20.84 -27.13
N THR A 515 -19.43 20.77 -26.93
CA THR A 515 -20.18 21.84 -26.30
C THR A 515 -21.14 21.23 -25.28
N VAL A 516 -21.32 21.96 -24.17
CA VAL A 516 -22.17 21.50 -23.07
C VAL A 516 -23.58 21.15 -23.55
N GLN A 517 -24.04 21.76 -24.63
CA GLN A 517 -25.37 21.47 -25.14
C GLN A 517 -25.48 20.08 -25.76
N ASP A 518 -24.37 19.38 -26.00
CA ASP A 518 -24.40 18.13 -26.74
C ASP A 518 -24.67 16.91 -25.88
N LEU A 519 -24.38 16.95 -24.57
CA LEU A 519 -24.51 15.74 -23.77
C LEU A 519 -25.95 15.23 -23.72
N LYS A 520 -26.92 16.13 -23.56
CA LYS A 520 -28.31 15.68 -23.57
C LYS A 520 -28.74 15.17 -24.93
N SER A 521 -28.10 15.63 -26.01
CA SER A 521 -28.45 15.14 -27.34
C SER A 521 -28.13 13.66 -27.47
N ARG A 522 -26.97 13.23 -26.98
CA ARG A 522 -26.59 11.82 -27.06
C ARG A 522 -27.50 10.96 -26.18
N SER A 523 -27.85 11.46 -24.99
CA SER A 523 -28.72 10.72 -24.09
C SER A 523 -30.08 11.38 -23.97
N GLN B 7 -13.89 -7.37 41.99
CA GLN B 7 -12.71 -7.81 41.27
C GLN B 7 -12.94 -9.18 40.62
N VAL B 8 -11.86 -9.90 40.36
CA VAL B 8 -11.91 -11.21 39.74
C VAL B 8 -11.13 -12.18 40.61
N GLN B 9 -11.74 -13.33 40.92
CA GLN B 9 -11.11 -14.37 41.72
C GLN B 9 -10.74 -15.54 40.82
N LEU B 10 -9.58 -16.13 41.07
CA LEU B 10 -9.06 -17.23 40.27
C LEU B 10 -8.52 -18.35 41.16
N VAL B 11 -9.30 -18.73 42.17
CA VAL B 11 -8.89 -19.80 43.07
C VAL B 11 -8.94 -21.12 42.34
N GLU B 12 -7.86 -21.90 42.44
CA GLU B 12 -7.75 -23.19 41.80
C GLU B 12 -7.53 -24.28 42.83
N SER B 13 -8.15 -25.44 42.59
CA SER B 13 -8.06 -26.57 43.50
C SER B 13 -7.79 -27.84 42.71
N GLY B 14 -7.22 -28.82 43.39
CA GLY B 14 -6.91 -30.10 42.77
C GLY B 14 -5.52 -30.60 43.11
N GLY B 15 -4.81 -29.87 43.96
CA GLY B 15 -3.47 -30.27 44.34
C GLY B 15 -3.48 -31.57 45.13
N GLY B 16 -2.55 -32.45 44.77
CA GLY B 16 -2.45 -33.73 45.46
C GLY B 16 -1.28 -34.52 44.92
N LEU B 17 -0.99 -35.64 45.58
CA LEU B 17 0.08 -36.54 45.19
C LEU B 17 -0.54 -37.81 44.62
N VAL B 18 -0.28 -38.07 43.34
CA VAL B 18 -0.83 -39.23 42.64
C VAL B 18 0.31 -39.91 41.89
N GLN B 19 0.29 -41.24 41.90
CA GLN B 19 1.31 -42.00 41.20
C GLN B 19 1.19 -41.81 39.68
N ALA B 20 2.28 -42.08 38.98
CA ALA B 20 2.31 -41.90 37.54
C ALA B 20 1.29 -42.82 36.86
N GLY B 21 0.70 -42.32 35.79
CA GLY B 21 -0.34 -43.04 35.08
C GLY B 21 -1.75 -42.74 35.55
N GLY B 22 -1.91 -42.01 36.64
CA GLY B 22 -3.22 -41.65 37.12
C GLY B 22 -3.79 -40.43 36.42
N SER B 23 -5.01 -40.08 36.81
CA SER B 23 -5.70 -38.93 36.25
C SER B 23 -6.14 -38.00 37.38
N LEU B 24 -5.84 -36.72 37.22
CA LEU B 24 -6.22 -35.71 38.19
C LEU B 24 -6.93 -34.57 37.50
N ARG B 25 -8.06 -34.15 38.05
CA ARG B 25 -8.87 -33.07 37.49
C ARG B 25 -8.56 -31.78 38.25
N LEU B 26 -8.14 -30.76 37.51
CA LEU B 26 -7.82 -29.45 38.08
C LEU B 26 -8.77 -28.41 37.51
N SER B 27 -9.31 -27.57 38.40
CA SER B 27 -10.26 -26.54 38.01
C SER B 27 -9.94 -25.25 38.74
N CYS B 28 -10.22 -24.13 38.08
CA CYS B 28 -10.01 -22.80 38.64
C CYS B 28 -11.36 -22.11 38.78
N ALA B 29 -11.62 -21.58 39.97
CA ALA B 29 -12.88 -20.88 40.26
C ALA B 29 -12.77 -19.44 39.80
N ALA B 30 -13.36 -19.14 38.64
CA ALA B 30 -13.31 -17.80 38.08
C ALA B 30 -14.61 -17.05 38.36
N SER B 31 -14.54 -15.72 38.24
CA SER B 31 -15.70 -14.88 38.44
C SER B 31 -15.50 -13.58 37.66
N GLY B 32 -16.62 -12.91 37.39
CA GLY B 32 -16.60 -11.65 36.68
C GLY B 32 -16.52 -11.76 35.17
N PHE B 33 -16.50 -12.97 34.63
CA PHE B 33 -16.42 -13.18 33.18
C PHE B 33 -16.91 -14.58 32.88
N PRO B 34 -17.27 -14.85 31.63
CA PRO B 34 -17.70 -16.20 31.24
C PRO B 34 -16.53 -17.07 30.82
N VAL B 35 -16.80 -18.37 30.76
CA VAL B 35 -15.79 -19.34 30.33
C VAL B 35 -15.63 -19.41 28.82
N LYS B 36 -16.47 -18.70 28.07
CA LYS B 36 -16.40 -18.67 26.62
C LYS B 36 -16.40 -17.24 26.09
N THR B 37 -15.99 -16.28 26.93
CA THR B 37 -15.96 -14.88 26.55
C THR B 37 -14.56 -14.27 26.59
N GLU B 38 -13.54 -15.04 26.97
CA GLU B 38 -12.19 -14.53 27.07
C GLU B 38 -11.22 -15.69 26.92
N TRP B 39 -9.94 -15.34 26.68
CA TRP B 39 -8.90 -16.35 26.59
C TRP B 39 -8.67 -16.98 27.96
N MET B 40 -8.47 -18.30 27.97
CA MET B 40 -8.26 -19.04 29.20
C MET B 40 -7.12 -20.02 28.98
N GLU B 41 -6.09 -19.94 29.82
CA GLU B 41 -4.94 -20.82 29.71
C GLU B 41 -4.47 -21.24 31.09
N TRP B 42 -3.84 -22.41 31.15
CA TRP B 42 -3.25 -22.93 32.38
C TRP B 42 -1.78 -23.19 32.14
N TYR B 43 -0.93 -22.63 32.99
CA TYR B 43 0.51 -22.75 32.86
C TYR B 43 1.09 -23.46 34.08
N ARG B 44 2.21 -24.14 33.87
CA ARG B 44 2.87 -24.92 34.92
C ARG B 44 4.26 -24.36 35.18
N GLN B 45 4.64 -24.34 36.45
CA GLN B 45 5.96 -23.85 36.87
C GLN B 45 6.61 -24.93 37.73
N ALA B 46 7.50 -25.70 37.14
CA ALA B 46 8.19 -26.75 37.86
C ALA B 46 9.25 -26.16 38.79
N PRO B 47 9.61 -26.88 39.84
CA PRO B 47 10.64 -26.38 40.76
C PRO B 47 11.99 -26.29 40.05
N GLY B 48 12.49 -25.06 39.90
CA GLY B 48 13.74 -24.82 39.21
C GLY B 48 13.62 -24.63 37.71
N LYS B 49 12.42 -24.79 37.15
CA LYS B 49 12.20 -24.60 35.73
C LYS B 49 11.51 -23.25 35.50
N GLU B 50 11.11 -22.99 34.26
CA GLU B 50 10.44 -21.76 33.88
C GLU B 50 8.96 -22.02 33.64
N ARG B 51 8.14 -21.01 33.93
CA ARG B 51 6.70 -21.12 33.77
C ARG B 51 6.38 -21.16 32.27
N GLU B 52 6.12 -22.36 31.76
CA GLU B 52 5.85 -22.56 30.35
C GLU B 52 4.37 -22.81 30.13
N TRP B 53 3.84 -22.32 29.00
CA TRP B 53 2.45 -22.54 28.66
C TRP B 53 2.20 -24.01 28.35
N VAL B 54 1.07 -24.52 28.84
CA VAL B 54 0.68 -25.92 28.64
C VAL B 54 -0.48 -26.03 27.65
N ALA B 55 -1.62 -25.43 27.97
CA ALA B 55 -2.79 -25.50 27.11
C ALA B 55 -3.64 -24.26 27.34
N ALA B 56 -4.56 -24.02 26.41
CA ALA B 56 -5.40 -22.84 26.48
C ALA B 56 -6.75 -23.12 25.85
N ILE B 57 -7.75 -22.33 26.26
CA ILE B 57 -9.09 -22.38 25.68
C ILE B 57 -9.50 -20.95 25.33
N TRP B 58 -9.83 -20.73 24.07
CA TRP B 58 -10.18 -19.41 23.59
C TRP B 58 -11.61 -19.04 23.98
N SER B 59 -12.08 -17.90 23.50
CA SER B 59 -13.43 -17.45 23.77
C SER B 59 -14.41 -18.07 22.78
N TYR B 60 -15.59 -18.44 23.28
CA TYR B 60 -16.66 -19.00 22.47
C TYR B 60 -16.23 -20.28 21.75
N GLY B 61 -15.32 -21.04 22.37
CA GLY B 61 -14.87 -22.29 21.80
C GLY B 61 -14.24 -22.15 20.43
N SER B 62 -13.40 -21.12 20.27
CA SER B 62 -12.74 -20.91 18.98
C SER B 62 -11.78 -22.04 18.65
N GLY B 63 -11.13 -22.61 19.65
CA GLY B 63 -10.22 -23.70 19.41
C GLY B 63 -9.54 -24.13 20.70
N THR B 64 -8.73 -25.18 20.57
CA THR B 64 -7.97 -25.72 21.68
C THR B 64 -6.53 -25.96 21.22
N ARG B 65 -5.58 -25.57 22.05
CA ARG B 65 -4.17 -25.76 21.75
C ARG B 65 -3.49 -26.42 22.95
N TYR B 66 -2.38 -27.10 22.68
CA TYR B 66 -1.63 -27.78 23.72
C TYR B 66 -0.14 -27.51 23.48
N ALA B 67 0.70 -28.13 24.29
CA ALA B 67 2.14 -27.96 24.22
C ALA B 67 2.77 -29.09 23.41
N ASP B 68 3.98 -28.83 22.92
CA ASP B 68 4.70 -29.84 22.15
C ASP B 68 4.98 -31.08 22.99
N SER B 69 5.41 -30.89 24.23
CA SER B 69 5.64 -32.00 25.14
C SER B 69 4.36 -32.49 25.80
N VAL B 70 3.25 -31.80 25.61
CA VAL B 70 1.97 -32.17 26.21
C VAL B 70 0.92 -32.52 25.18
N LYS B 71 1.25 -32.46 23.88
CA LYS B 71 0.29 -32.81 22.85
C LYS B 71 -0.06 -34.29 22.95
N GLY B 72 -1.36 -34.59 23.00
CA GLY B 72 -1.80 -35.96 23.18
C GLY B 72 -1.36 -36.56 24.51
N ARG B 73 -1.29 -35.73 25.56
CA ARG B 73 -0.90 -36.22 26.88
C ARG B 73 -1.89 -35.75 27.94
N PHE B 74 -2.51 -34.60 27.72
CA PHE B 74 -3.45 -34.02 28.66
C PHE B 74 -4.66 -33.46 27.92
N THR B 75 -5.73 -33.21 28.67
CA THR B 75 -6.97 -32.70 28.12
C THR B 75 -7.36 -31.42 28.84
N ILE B 76 -7.73 -30.40 28.08
CA ILE B 76 -8.15 -29.11 28.63
C ILE B 76 -9.62 -28.92 28.30
N SER B 77 -10.43 -28.71 29.32
CA SER B 77 -11.87 -28.54 29.14
C SER B 77 -12.35 -27.36 29.97
N ARG B 78 -13.47 -26.78 29.55
CA ARG B 78 -14.08 -25.65 30.22
C ARG B 78 -15.50 -26.01 30.68
N ASP B 79 -16.09 -25.12 31.46
CA ASP B 79 -17.46 -25.31 31.96
C ASP B 79 -18.04 -23.93 32.22
N ASN B 80 -18.94 -23.50 31.34
CA ASN B 80 -19.53 -22.17 31.46
C ASN B 80 -20.58 -22.10 32.57
N ALA B 81 -21.11 -23.24 33.02
CA ALA B 81 -22.15 -23.23 34.05
C ALA B 81 -21.60 -22.69 35.36
N LYS B 82 -20.45 -23.21 35.80
CA LYS B 82 -19.81 -22.76 37.03
C LYS B 82 -18.71 -21.73 36.79
N ASN B 83 -18.54 -21.28 35.55
CA ASN B 83 -17.47 -20.35 35.18
C ASN B 83 -16.10 -20.90 35.60
N THR B 84 -15.87 -22.17 35.25
CA THR B 84 -14.62 -22.84 35.60
C THR B 84 -14.18 -23.69 34.43
N VAL B 85 -12.87 -23.98 34.39
CA VAL B 85 -12.27 -24.82 33.36
C VAL B 85 -11.66 -26.02 34.05
N TYR B 86 -12.15 -27.21 33.71
CA TYR B 86 -11.68 -28.45 34.32
C TYR B 86 -10.56 -29.02 33.46
N LEU B 87 -9.37 -29.16 34.04
CA LEU B 87 -8.21 -29.70 33.35
C LEU B 87 -7.86 -31.06 33.92
N GLN B 88 -7.80 -32.06 33.05
CA GLN B 88 -7.46 -33.42 33.44
C GLN B 88 -6.38 -33.97 32.52
N MET B 89 -5.51 -34.80 33.08
CA MET B 89 -4.40 -35.38 32.34
C MET B 89 -4.36 -36.88 32.58
N ASN B 90 -3.89 -37.61 31.57
CA ASN B 90 -3.76 -39.06 31.64
C ASN B 90 -2.31 -39.45 31.38
N SER B 91 -1.89 -40.53 32.03
CA SER B 91 -0.52 -41.04 31.93
C SER B 91 0.50 -39.95 32.27
N LEU B 92 0.43 -39.49 33.51
CA LEU B 92 1.30 -38.41 33.96
C LEU B 92 2.76 -38.84 33.90
N LYS B 93 3.59 -37.98 33.30
CA LYS B 93 5.01 -38.26 33.22
C LYS B 93 5.70 -37.93 34.54
N PRO B 94 6.86 -38.54 34.81
CA PRO B 94 7.59 -38.21 36.05
C PRO B 94 8.01 -36.76 36.13
N GLU B 95 8.23 -36.10 35.00
CA GLU B 95 8.63 -34.69 34.96
C GLU B 95 7.43 -33.75 34.92
N ASP B 96 6.22 -34.29 34.97
CA ASP B 96 5.01 -33.46 34.92
C ASP B 96 4.66 -32.84 36.27
N THR B 97 5.37 -33.22 37.34
CA THR B 97 5.09 -32.67 38.66
C THR B 97 5.50 -31.20 38.68
N ALA B 98 4.52 -30.31 38.82
CA ALA B 98 4.79 -28.87 38.81
C ALA B 98 3.64 -28.15 39.49
N VAL B 99 3.89 -26.89 39.83
CA VAL B 99 2.86 -26.02 40.40
C VAL B 99 2.08 -25.41 39.25
N TYR B 100 0.81 -25.80 39.10
CA TYR B 100 -0.03 -25.32 38.02
C TYR B 100 -0.71 -24.02 38.41
N TYR B 101 -1.01 -23.20 37.41
CA TYR B 101 -1.68 -21.92 37.62
C TYR B 101 -2.53 -21.59 36.41
N CYS B 102 -3.44 -20.65 36.59
CA CYS B 102 -4.37 -20.23 35.53
C CYS B 102 -4.33 -18.72 35.40
N LEU B 103 -4.38 -18.24 34.15
CA LEU B 103 -4.42 -16.83 33.85
C LEU B 103 -5.86 -16.40 33.53
N VAL B 104 -6.02 -15.15 33.11
CA VAL B 104 -7.34 -14.63 32.75
C VAL B 104 -7.48 -14.35 31.26
N ARG B 105 -6.38 -14.34 30.52
CA ARG B 105 -6.39 -14.16 29.07
C ARG B 105 -5.00 -14.56 28.58
N VAL B 106 -4.71 -14.29 27.31
CA VAL B 106 -3.34 -14.43 26.80
C VAL B 106 -2.65 -13.11 27.14
N GLY B 107 -2.23 -13.00 28.39
CA GLY B 107 -1.80 -11.74 28.93
C GLY B 107 -2.95 -11.05 29.61
N SER B 108 -2.99 -11.06 30.93
CA SER B 108 -4.10 -10.45 31.66
C SER B 108 -3.64 -10.10 33.07
N TRP B 109 -4.28 -9.09 33.65
CA TRP B 109 -3.89 -8.61 34.97
C TRP B 109 -4.20 -9.59 36.09
N TYR B 110 -4.99 -10.62 35.82
CA TYR B 110 -5.39 -11.58 36.85
C TYR B 110 -4.61 -12.89 36.66
N HIS B 111 -3.96 -13.34 37.72
CA HIS B 111 -3.21 -14.59 37.74
C HIS B 111 -3.68 -15.44 38.90
N GLY B 112 -3.72 -16.75 38.69
CA GLY B 112 -4.21 -17.65 39.72
C GLY B 112 -3.27 -17.71 40.91
N GLN B 113 -3.84 -18.16 42.04
CA GLN B 113 -3.03 -18.32 43.24
C GLN B 113 -1.96 -19.39 43.05
N GLY B 114 -2.30 -20.48 42.38
CA GLY B 114 -1.35 -21.53 42.10
C GLY B 114 -1.72 -22.83 42.80
N THR B 115 -1.62 -23.93 42.07
CA THR B 115 -1.89 -25.26 42.60
C THR B 115 -0.71 -26.17 42.29
N GLN B 116 -0.21 -26.85 43.31
CA GLN B 116 0.95 -27.73 43.19
C GLN B 116 0.49 -29.18 43.14
N VAL B 117 1.03 -29.93 42.19
CA VAL B 117 0.72 -31.35 42.04
C VAL B 117 2.02 -32.13 42.06
N THR B 118 1.93 -33.39 42.47
CA THR B 118 3.09 -34.26 42.59
C THR B 118 2.87 -35.52 41.76
N VAL B 119 3.86 -35.88 40.96
CA VAL B 119 3.79 -37.08 40.14
C VAL B 119 4.40 -38.27 40.85
N SER B 120 5.50 -38.06 41.56
CA SER B 120 6.20 -39.11 42.34
C SER B 120 6.62 -40.21 41.37
N ALA B 121 6.26 -41.47 41.61
CA ALA B 121 6.64 -42.56 40.72
C ALA B 121 5.42 -43.09 39.98
#